data_1OUW
#
_entry.id   1OUW
#
_cell.length_a   30.562
_cell.length_b   51.792
_cell.length_c   79.780
_cell.angle_alpha   104.99
_cell.angle_beta   94.36
_cell.angle_gamma   94.85
#
_symmetry.space_group_name_H-M   'P 1'
#
loop_
_entity.id
_entity.type
_entity.pdbx_description
1 polymer lectin
2 non-polymer 1,2-ETHANEDIOL
3 non-polymer IMIDAZOLE
4 non-polymer D-MALATE
5 water water
#
_entity_poly.entity_id   1
_entity_poly.type   'polypeptide(L)'
_entity_poly.pdbx_seq_one_letter_code
;(AYA)VPMDTISGPWGNNGGNFWSFRPVNKINQIVISYGGGGNNPIALTFSSTKADGSKDTITVGGGGPDSITGTEMVNI
GTDEYLTGISGTFGIYLDNNVLRSITFTTNLKAHGPYGQKVGTPFSSANVVGNEIVGFLGRSGYYVDAIGTYNRHK
;
_entity_poly.pdbx_strand_id   A,B,C,D
#
loop_
_chem_comp.id
_chem_comp.type
_chem_comp.name
_chem_comp.formula
EDO non-polymer 1,2-ETHANEDIOL 'C2 H6 O2'
IMD non-polymer IMIDAZOLE 'C3 H5 N2 1'
MLT non-polymer D-MALATE 'C4 H6 O5'
#
# COMPACT_ATOMS: atom_id res chain seq x y z
N AYA A 1 -16.11 24.20 -6.22
CA AYA A 1 -14.83 23.54 -6.60
CB AYA A 1 -14.46 23.96 -8.02
C AYA A 1 -13.70 23.99 -5.72
O AYA A 1 -13.67 25.09 -5.03
CT AYA A 1 -16.61 24.20 -4.99
OT AYA A 1 -17.81 24.59 -4.88
CM AYA A 1 -16.34 22.88 -4.37
N VAL A 2 -12.63 23.19 -5.64
CA VAL A 2 -11.41 23.60 -4.97
C VAL A 2 -10.83 24.84 -5.67
N PRO A 3 -10.68 25.94 -4.93
CA PRO A 3 -10.16 27.15 -5.56
C PRO A 3 -8.72 27.02 -5.99
N MET A 4 -8.39 27.80 -7.01
CA MET A 4 -7.09 27.96 -7.59
C MET A 4 -6.79 29.45 -7.70
N ASP A 5 -5.51 29.80 -7.65
CA ASP A 5 -5.14 31.22 -7.76
C ASP A 5 -5.45 31.70 -9.18
N THR A 6 -5.86 32.96 -9.30
CA THR A 6 -6.24 33.52 -10.58
C THR A 6 -5.05 33.71 -11.53
N ILE A 7 -5.25 33.37 -12.78
CA ILE A 7 -4.28 33.48 -13.84
C ILE A 7 -4.43 34.77 -14.61
N SER A 8 -3.34 35.49 -14.82
CA SER A 8 -3.27 36.53 -15.82
C SER A 8 -2.41 36.06 -16.97
N GLY A 9 -2.78 36.45 -18.19
CA GLY A 9 -2.13 35.91 -19.36
C GLY A 9 -2.49 34.44 -19.49
N PRO A 10 -1.60 33.60 -19.98
CA PRO A 10 -0.27 33.96 -20.47
C PRO A 10 -0.30 34.91 -21.67
N TRP A 11 0.79 35.65 -21.79
CA TRP A 11 1.13 36.43 -22.97
C TRP A 11 2.16 35.65 -23.79
N GLY A 12 2.13 35.80 -25.12
CA GLY A 12 3.03 35.12 -26.01
C GLY A 12 2.24 34.27 -26.96
N ASN A 13 2.75 33.09 -27.27
CA ASN A 13 2.20 32.29 -28.36
C ASN A 13 2.06 30.83 -28.00
N ASN A 14 1.58 30.05 -28.96
CA ASN A 14 1.17 28.67 -28.73
C ASN A 14 2.26 27.62 -28.98
N GLY A 15 3.49 28.06 -29.22
CA GLY A 15 4.62 27.16 -29.40
C GLY A 15 4.99 26.42 -28.11
N GLY A 16 5.89 25.47 -28.24
CA GLY A 16 6.40 24.73 -27.10
C GLY A 16 5.33 23.92 -26.40
N ASN A 17 5.61 23.64 -25.13
CA ASN A 17 4.67 22.91 -24.29
C ASN A 17 4.44 23.66 -22.99
N PHE A 18 3.33 23.33 -22.35
CA PHE A 18 2.89 24.04 -21.17
C PHE A 18 3.84 23.77 -19.98
N TRP A 19 4.00 24.78 -19.13
CA TRP A 19 4.66 24.65 -17.84
C TRP A 19 3.94 25.49 -16.79
N SER A 20 4.11 25.15 -15.52
CA SER A 20 3.51 25.84 -14.42
C SER A 20 4.31 25.66 -13.14
N PHE A 21 4.39 26.73 -12.35
CA PHE A 21 5.15 26.72 -11.10
C PHE A 21 4.55 27.73 -10.14
N ARG A 22 3.87 27.23 -9.12
CA ARG A 22 3.33 28.05 -8.06
C ARG A 22 3.71 27.34 -6.76
N PRO A 23 4.85 27.72 -6.17
CA PRO A 23 5.29 27.08 -4.93
C PRO A 23 4.55 27.65 -3.74
N VAL A 24 4.55 26.93 -2.62
CA VAL A 24 3.79 27.37 -1.45
C VAL A 24 4.40 28.61 -0.81
N ASN A 25 5.73 28.69 -0.82
CA ASN A 25 6.40 29.85 -0.25
C ASN A 25 6.81 30.80 -1.37
N LYS A 26 7.41 31.91 -0.99
CA LYS A 26 7.65 32.99 -1.93
C LYS A 26 8.76 32.66 -2.92
N ILE A 27 8.57 33.01 -4.16
CA ILE A 27 9.63 32.99 -5.15
C ILE A 27 10.60 34.11 -4.80
N ASN A 28 11.83 33.74 -4.43
CA ASN A 28 12.83 34.71 -3.98
C ASN A 28 14.04 34.83 -4.89
N GLN A 29 14.09 34.01 -5.94
CA GLN A 29 15.19 34.09 -6.90
C GLN A 29 14.71 33.75 -8.30
N ILE A 30 15.21 34.51 -9.26
CA ILE A 30 15.01 34.24 -10.67
C ILE A 30 16.35 34.27 -11.36
N VAL A 31 16.64 33.25 -12.17
CA VAL A 31 17.84 33.28 -12.99
C VAL A 31 17.42 33.36 -14.44
N ILE A 32 17.92 34.36 -15.17
CA ILE A 32 17.67 34.47 -16.59
C ILE A 32 18.91 33.96 -17.34
N SER A 33 18.74 32.96 -18.19
CA SER A 33 19.84 32.39 -18.97
C SER A 33 19.81 32.99 -20.35
N TYR A 34 20.97 33.37 -20.85
CA TYR A 34 21.10 33.97 -22.17
C TYR A 34 21.85 33.05 -23.12
N GLY A 35 21.56 33.19 -24.41
CA GLY A 35 22.30 32.49 -25.45
C GLY A 35 22.80 33.45 -26.50
N GLY A 36 23.61 32.91 -27.41
CA GLY A 36 23.97 33.61 -28.63
C GLY A 36 25.07 34.63 -28.43
N GLY A 37 25.68 34.61 -27.25
CA GLY A 37 26.71 35.57 -26.90
C GLY A 37 26.20 36.98 -26.69
N GLY A 38 24.89 37.12 -26.55
CA GLY A 38 24.29 38.41 -26.34
C GLY A 38 23.18 38.34 -25.32
N ASN A 39 22.33 39.36 -25.42
CA ASN A 39 21.25 39.65 -24.51
C ASN A 39 19.97 38.90 -24.85
N ASN A 40 20.06 37.60 -25.19
CA ASN A 40 18.94 36.84 -25.72
C ASN A 40 18.44 35.83 -24.70
N PRO A 41 17.36 36.11 -24.00
CA PRO A 41 16.89 35.15 -23.00
C PRO A 41 16.47 33.84 -23.65
N ILE A 42 16.95 32.74 -23.11
CA ILE A 42 16.64 31.41 -23.59
C ILE A 42 15.93 30.56 -22.52
N ALA A 43 16.13 30.89 -21.25
CA ALA A 43 15.51 30.12 -20.16
C ALA A 43 15.32 31.02 -18.96
N LEU A 44 14.35 30.63 -18.14
CA LEU A 44 14.08 31.26 -16.85
C LEU A 44 14.04 30.20 -15.78
N THR A 45 14.70 30.45 -14.66
CA THR A 45 14.65 29.54 -13.52
C THR A 45 14.04 30.29 -12.36
N PHE A 46 12.92 29.80 -11.84
CA PHE A 46 12.28 30.37 -10.67
C PHE A 46 12.52 29.46 -9.48
N SER A 47 12.84 30.04 -8.34
CA SER A 47 13.01 29.21 -7.15
C SER A 47 12.51 29.89 -5.91
N SER A 48 12.17 29.05 -4.95
CA SER A 48 11.69 29.45 -3.64
C SER A 48 12.46 28.69 -2.59
N THR A 49 13.23 29.42 -1.79
CA THR A 49 14.02 28.84 -0.73
C THR A 49 13.21 29.00 0.51
N LYS A 50 13.09 27.91 1.25
CA LYS A 50 12.30 27.87 2.47
C LYS A 50 13.17 28.01 3.70
N ALA A 51 12.52 28.32 4.82
CA ALA A 51 13.19 28.44 6.12
C ALA A 51 14.01 27.19 6.51
N ASP A 52 13.54 26.00 6.11
CA ASP A 52 14.23 24.73 6.37
C ASP A 52 15.37 24.42 5.39
N GLY A 53 15.65 25.34 4.48
CA GLY A 53 16.81 25.30 3.61
C GLY A 53 16.60 24.58 2.30
N SER A 54 15.45 23.95 2.11
CA SER A 54 15.14 23.29 0.83
C SER A 54 14.70 24.36 -0.17
N LYS A 55 14.81 24.03 -1.45
CA LYS A 55 14.47 24.93 -2.53
C LYS A 55 13.55 24.23 -3.50
N ASP A 56 12.39 24.82 -3.75
CA ASP A 56 11.54 24.44 -4.88
C ASP A 56 12.08 25.18 -6.09
N THR A 57 12.08 24.57 -7.27
CA THR A 57 12.70 25.19 -8.44
C THR A 57 12.14 24.61 -9.74
N ILE A 58 12.09 25.46 -10.75
CA ILE A 58 11.77 25.04 -12.10
C ILE A 58 12.64 25.83 -13.06
N THR A 59 13.07 25.20 -14.16
CA THR A 59 13.72 25.86 -15.27
C THR A 59 12.84 25.61 -16.50
N VAL A 60 12.52 26.68 -17.21
CA VAL A 60 11.67 26.62 -18.39
C VAL A 60 12.42 27.30 -19.53
N GLY A 61 12.32 26.76 -20.74
CA GLY A 61 13.20 27.14 -21.82
C GLY A 61 14.53 26.41 -21.68
N GLY A 62 15.45 26.64 -22.60
CA GLY A 62 16.75 26.00 -22.54
C GLY A 62 16.75 24.53 -22.91
N GLY A 63 15.73 24.06 -23.60
CA GLY A 63 15.59 22.66 -23.95
C GLY A 63 16.43 22.20 -25.12
N GLY A 64 17.07 23.14 -25.81
CA GLY A 64 17.85 22.83 -27.01
C GLY A 64 19.33 22.80 -26.78
N PRO A 65 20.08 22.63 -27.87
CA PRO A 65 21.54 22.51 -27.82
C PRO A 65 22.31 23.82 -27.58
N ASP A 66 21.61 24.95 -27.60
CA ASP A 66 22.15 26.30 -27.32
C ASP A 66 23.05 26.37 -26.11
N SER A 67 24.28 26.85 -26.28
CA SER A 67 25.13 27.09 -25.10
C SER A 67 24.57 28.28 -24.33
N ILE A 68 24.62 28.20 -23.01
CA ILE A 68 24.31 29.34 -22.18
C ILE A 68 25.56 30.22 -22.13
N THR A 69 25.43 31.41 -22.68
CA THR A 69 26.55 32.34 -22.76
C THR A 69 26.54 33.45 -21.72
N GLY A 70 25.51 33.49 -20.89
CA GLY A 70 25.45 34.46 -19.82
C GLY A 70 24.24 34.23 -18.93
N THR A 71 24.28 34.81 -17.74
CA THR A 71 23.14 34.77 -16.84
C THR A 71 23.02 36.09 -16.12
N GLU A 72 21.79 36.40 -15.72
CA GLU A 72 21.50 37.46 -14.75
C GLU A 72 20.56 36.90 -13.68
N MET A 73 20.61 37.48 -12.49
CA MET A 73 19.89 36.97 -11.34
C MET A 73 19.11 38.10 -10.71
N VAL A 74 17.87 37.79 -10.35
CA VAL A 74 17.04 38.63 -9.51
C VAL A 74 16.99 37.98 -8.12
N ASN A 75 17.46 38.71 -7.13
CA ASN A 75 17.32 38.28 -5.77
C ASN A 75 16.30 39.17 -5.05
N ILE A 76 15.19 38.56 -4.65
CA ILE A 76 14.08 39.25 -4.03
C ILE A 76 14.30 39.28 -2.52
N GLY A 77 14.29 40.46 -1.93
CA GLY A 77 14.59 40.61 -0.51
C GLY A 77 13.47 40.18 0.45
N THR A 78 13.76 40.15 1.74
CA THR A 78 12.78 39.66 2.73
C THR A 78 11.40 40.35 2.66
N ASP A 79 11.42 41.67 2.57
CA ASP A 79 10.18 42.45 2.52
C ASP A 79 9.75 42.80 1.09
N GLU A 80 10.31 42.11 0.10
CA GLU A 80 10.04 42.36 -1.32
C GLU A 80 9.27 41.18 -1.88
N TYR A 81 8.35 41.46 -2.79
CA TYR A 81 7.62 40.40 -3.47
C TYR A 81 7.19 40.85 -4.87
N LEU A 82 7.11 39.88 -5.78
CA LEU A 82 6.69 40.14 -7.15
C LEU A 82 5.27 40.66 -7.25
N THR A 83 5.10 41.68 -8.08
CA THR A 83 3.79 42.27 -8.34
C THR A 83 3.40 42.36 -9.83
N GLY A 84 4.38 42.38 -10.72
CA GLY A 84 4.08 42.46 -12.15
C GLY A 84 5.18 41.95 -13.02
N ILE A 85 4.84 41.64 -14.27
CA ILE A 85 5.84 41.38 -15.30
C ILE A 85 5.46 42.13 -16.56
N SER A 86 6.45 42.38 -17.41
CA SER A 86 6.24 42.99 -18.71
C SER A 86 7.40 42.57 -19.58
N GLY A 87 7.34 42.81 -20.87
CA GLY A 87 8.42 42.41 -21.73
C GLY A 87 8.02 42.48 -23.17
N THR A 88 8.71 41.72 -24.01
CA THR A 88 8.40 41.65 -25.43
C THR A 88 8.58 40.23 -25.95
N PHE A 89 7.86 39.94 -27.03
CA PHE A 89 7.97 38.73 -27.81
C PHE A 89 8.36 39.07 -29.23
N GLY A 90 9.28 38.29 -29.80
CA GLY A 90 9.76 38.56 -31.16
C GLY A 90 10.71 37.46 -31.60
N ILE A 91 11.37 37.68 -32.73
CA ILE A 91 12.13 36.62 -33.38
C ILE A 91 13.52 36.48 -32.79
N TYR A 92 13.87 35.25 -32.43
CA TYR A 92 15.24 34.86 -32.08
C TYR A 92 15.51 33.54 -32.81
N LEU A 93 16.52 33.54 -33.68
CA LEU A 93 16.89 32.33 -34.42
C LEU A 93 15.67 31.71 -35.14
N ASP A 94 14.87 32.59 -35.74
CA ASP A 94 13.64 32.23 -36.48
C ASP A 94 12.52 31.62 -35.64
N ASN A 95 12.55 31.81 -34.32
CA ASN A 95 11.50 31.35 -33.43
C ASN A 95 10.84 32.60 -32.82
N ASN A 96 9.51 32.63 -32.70
CA ASN A 96 8.85 33.76 -32.02
C ASN A 96 8.76 33.45 -30.53
N VAL A 97 9.59 34.13 -29.75
CA VAL A 97 9.80 33.78 -28.36
C VAL A 97 9.97 35.03 -27.50
N LEU A 98 10.06 34.83 -26.19
CA LEU A 98 10.28 35.93 -25.28
C LEU A 98 11.64 36.54 -25.63
N ARG A 99 11.66 37.86 -25.86
CA ARG A 99 12.89 38.59 -26.18
C ARG A 99 13.36 39.46 -25.03
N SER A 100 12.44 39.92 -24.19
CA SER A 100 12.82 40.69 -22.99
C SER A 100 11.75 40.51 -21.92
N ILE A 101 12.18 40.66 -20.69
CA ILE A 101 11.27 40.59 -19.57
C ILE A 101 11.78 41.44 -18.41
N THR A 102 10.84 42.05 -17.70
CA THR A 102 11.07 42.80 -16.49
C THR A 102 10.22 42.18 -15.41
N PHE A 103 10.79 42.05 -14.23
CA PHE A 103 10.08 41.57 -13.06
C PHE A 103 9.92 42.72 -12.07
N THR A 104 8.69 43.19 -11.89
CA THR A 104 8.41 44.28 -11.00
C THR A 104 7.95 43.75 -9.66
N THR A 105 8.47 44.36 -8.59
CA THR A 105 8.08 44.02 -7.22
C THR A 105 7.41 45.22 -6.58
N ASN A 106 6.99 45.02 -5.34
CA ASN A 106 6.49 46.12 -4.53
C ASN A 106 7.51 47.24 -4.33
N LEU A 107 8.79 46.94 -4.55
CA LEU A 107 9.84 47.92 -4.34
C LEU A 107 10.37 48.55 -5.61
N LYS A 108 10.49 47.78 -6.69
CA LYS A 108 11.16 48.31 -7.88
C LYS A 108 11.00 47.38 -9.05
N ALA A 109 11.30 47.88 -10.24
CA ALA A 109 11.41 47.07 -11.45
C ALA A 109 12.82 46.52 -11.56
N HIS A 110 12.93 45.22 -11.83
CA HIS A 110 14.19 44.53 -12.05
C HIS A 110 14.24 44.17 -13.53
N GLY A 111 15.29 44.59 -14.21
CA GLY A 111 15.41 44.36 -15.65
C GLY A 111 15.69 45.68 -16.33
N PRO A 112 15.40 45.78 -17.61
CA PRO A 112 14.93 44.67 -18.45
C PRO A 112 16.00 43.65 -18.72
N TYR A 113 15.61 42.39 -18.82
CA TYR A 113 16.50 41.30 -19.17
C TYR A 113 16.20 40.96 -20.64
N GLY A 114 17.12 41.33 -21.54
CA GLY A 114 16.85 41.30 -22.98
C GLY A 114 16.61 42.66 -23.59
N GLN A 115 16.58 42.72 -24.92
CA GLN A 115 16.51 43.98 -25.65
C GLN A 115 15.05 44.30 -25.97
N LYS A 116 14.75 45.59 -26.08
CA LYS A 116 13.44 46.08 -26.46
C LYS A 116 13.23 45.92 -27.95
N VAL A 117 12.86 44.71 -28.33
CA VAL A 117 12.52 44.39 -29.70
C VAL A 117 11.30 43.48 -29.64
N GLY A 118 10.45 43.62 -30.64
CA GLY A 118 9.26 42.81 -30.78
C GLY A 118 8.08 43.50 -30.16
N THR A 119 7.07 42.71 -29.85
CA THR A 119 5.78 43.18 -29.45
C THR A 119 5.68 43.21 -27.93
N PRO A 120 5.31 44.35 -27.34
CA PRO A 120 5.26 44.44 -25.88
C PRO A 120 4.06 43.76 -25.25
N PHE A 121 4.26 43.31 -24.01
CA PHE A 121 3.18 42.89 -23.15
C PHE A 121 3.41 43.44 -21.75
N SER A 122 2.35 43.55 -20.98
CA SER A 122 2.47 43.88 -19.55
C SER A 122 1.28 43.33 -18.76
N SER A 123 1.56 42.81 -17.57
CA SER A 123 0.52 42.52 -16.61
C SER A 123 -0.02 43.82 -16.04
N ALA A 124 -1.12 43.72 -15.30
CA ALA A 124 -1.69 44.86 -14.58
C ALA A 124 -1.13 44.86 -13.16
N ASN A 125 -0.38 45.89 -12.83
CA ASN A 125 0.23 46.01 -11.52
C ASN A 125 -0.77 46.59 -10.54
N VAL A 126 -1.17 45.79 -9.53
CA VAL A 126 -2.04 46.23 -8.44
C VAL A 126 -1.50 45.84 -7.07
N ASN A 129 -2.00 43.22 -4.71
CA ASN A 129 -1.83 41.94 -5.41
C ASN A 129 -0.38 41.50 -5.47
N GLU A 130 -0.22 40.20 -5.39
CA GLU A 130 1.08 39.55 -5.39
C GLU A 130 1.09 38.49 -6.47
N ILE A 131 2.16 38.46 -7.25
CA ILE A 131 2.42 37.32 -8.13
C ILE A 131 2.99 36.23 -7.26
N VAL A 132 2.33 35.06 -7.24
CA VAL A 132 2.70 33.94 -6.39
C VAL A 132 3.14 32.74 -7.23
N GLY A 133 3.18 32.88 -8.54
CA GLY A 133 3.67 31.82 -9.40
C GLY A 133 3.62 32.26 -10.84
N PHE A 134 4.13 31.40 -11.71
CA PHE A 134 4.18 31.64 -13.14
C PHE A 134 3.73 30.40 -13.89
N LEU A 135 3.24 30.62 -15.09
CA LEU A 135 2.92 29.50 -15.99
C LEU A 135 3.15 29.98 -17.41
N GLY A 136 3.15 29.09 -18.36
CA GLY A 136 3.47 29.52 -19.72
C GLY A 136 3.66 28.37 -20.65
N ARG A 137 4.40 28.61 -21.72
CA ARG A 137 4.83 27.54 -22.63
C ARG A 137 6.30 27.73 -22.93
N SER A 138 6.97 26.64 -23.24
CA SER A 138 8.40 26.69 -23.50
C SER A 138 8.87 25.47 -24.24
N GLY A 139 10.05 25.61 -24.82
CA GLY A 139 10.75 24.53 -25.48
C GLY A 139 12.24 24.82 -25.42
N TYR A 140 12.81 25.11 -26.58
CA TYR A 140 14.16 25.62 -26.64
C TYR A 140 14.24 27.00 -25.98
N TYR A 141 13.14 27.74 -26.04
CA TYR A 141 13.05 29.14 -25.57
C TYR A 141 11.78 29.29 -24.77
N VAL A 142 11.46 30.50 -24.36
CA VAL A 142 10.22 30.74 -23.66
C VAL A 142 9.19 31.26 -24.65
N ASP A 143 8.15 30.48 -24.89
CA ASP A 143 7.13 30.80 -25.89
C ASP A 143 5.99 31.66 -25.35
N ALA A 144 5.69 31.52 -24.06
CA ALA A 144 4.62 32.27 -23.40
C ALA A 144 4.86 32.32 -21.91
N ILE A 145 4.37 33.37 -21.26
CA ILE A 145 4.45 33.47 -19.82
C ILE A 145 3.26 34.24 -19.28
N GLY A 146 2.74 33.77 -18.17
CA GLY A 146 1.72 34.45 -17.40
C GLY A 146 1.91 34.26 -15.92
N THR A 147 0.97 34.73 -15.11
CA THR A 147 1.15 34.77 -13.66
C THR A 147 -0.02 34.13 -12.93
N TYR A 148 0.26 33.64 -11.73
CA TYR A 148 -0.74 33.32 -10.73
C TYR A 148 -0.74 34.47 -9.72
N ASN A 149 -1.92 34.85 -9.24
CA ASN A 149 -2.10 36.06 -8.47
C ASN A 149 -2.91 35.79 -7.22
N ARG A 150 -2.58 36.50 -6.14
CA ARG A 150 -3.30 36.35 -4.86
C ARG A 150 -3.15 37.67 -4.12
N HIS A 151 -4.21 38.13 -3.45
CA HIS A 151 -4.08 39.38 -2.73
C HIS A 151 -3.08 39.20 -1.58
N AYA B 1 -5.66 33.50 -27.39
CA AYA B 1 -5.38 32.88 -26.07
CB AYA B 1 -6.63 32.28 -25.42
C AYA B 1 -4.39 31.72 -26.12
O AYA B 1 -4.43 30.72 -26.93
CT AYA B 1 -4.76 33.96 -28.28
OT AYA B 1 -5.19 34.92 -28.95
CM AYA B 1 -3.40 34.26 -27.72
N VAL B 2 -3.44 31.74 -25.19
CA VAL B 2 -2.36 30.73 -25.11
C VAL B 2 -2.91 29.42 -24.50
N PRO B 3 -2.83 28.30 -25.21
CA PRO B 3 -3.35 27.05 -24.66
C PRO B 3 -2.58 26.58 -23.44
N MET B 4 -3.26 25.82 -22.61
CA MET B 4 -2.70 25.24 -21.40
C MET B 4 -3.19 23.83 -21.26
N ASP B 5 -2.46 23.03 -20.52
CA ASP B 5 -2.86 21.65 -20.33
C ASP B 5 -4.13 21.54 -19.48
N THR B 6 -4.96 20.57 -19.82
CA THR B 6 -6.26 20.37 -19.18
C THR B 6 -6.09 19.93 -17.72
N ILE B 7 -6.84 20.59 -16.86
CA ILE B 7 -6.88 20.31 -15.43
C ILE B 7 -7.99 19.31 -15.13
N SER B 8 -7.70 18.28 -14.34
CA SER B 8 -8.70 17.44 -13.69
C SER B 8 -8.63 17.67 -12.20
N GLY B 9 -9.79 17.70 -11.57
CA GLY B 9 -9.90 18.09 -10.17
C GLY B 9 -9.66 19.59 -10.06
N PRO B 10 -9.00 20.06 -9.01
CA PRO B 10 -8.52 19.24 -7.89
C PRO B 10 -9.61 18.55 -7.06
N TRP B 11 -9.21 17.47 -6.43
CA TRP B 11 -10.00 16.75 -5.44
C TRP B 11 -9.55 17.15 -4.05
N GLY B 12 -10.50 17.29 -3.13
CA GLY B 12 -10.19 17.65 -1.74
C GLY B 12 -10.99 18.85 -1.29
N ASN B 13 -10.33 19.72 -0.54
CA ASN B 13 -10.97 20.77 0.23
C ASN B 13 -10.31 22.12 -0.02
N ASN B 14 -10.89 23.15 0.57
CA ASN B 14 -10.52 24.53 0.26
C ASN B 14 -9.47 25.11 1.19
N GLY B 15 -8.99 24.31 2.14
CA GLY B 15 -7.99 24.78 3.07
C GLY B 15 -6.62 25.00 2.43
N GLY B 16 -5.70 25.56 3.21
CA GLY B 16 -4.35 25.78 2.72
C GLY B 16 -4.25 26.81 1.61
N ASN B 17 -3.12 26.73 0.91
CA ASN B 17 -2.69 27.64 -0.15
C ASN B 17 -2.62 26.84 -1.47
N PHE B 18 -2.92 27.48 -2.58
CA PHE B 18 -2.75 26.88 -3.90
C PHE B 18 -1.29 26.57 -4.22
N TRP B 19 -1.08 25.47 -4.92
CA TRP B 19 0.23 25.12 -5.48
C TRP B 19 0.05 24.52 -6.87
N SER B 20 1.11 24.58 -7.66
CA SER B 20 1.08 24.05 -9.03
C SER B 20 2.49 23.69 -9.48
N PHE B 21 2.59 22.55 -10.16
CA PHE B 21 3.85 22.07 -10.69
C PHE B 21 3.64 21.23 -11.93
N ARG B 22 4.00 21.83 -13.06
CA ARG B 22 4.00 21.14 -14.35
C ARG B 22 5.35 21.44 -15.00
N PRO B 23 6.32 20.54 -14.81
CA PRO B 23 7.65 20.75 -15.37
C PRO B 23 7.66 20.36 -16.84
N VAL B 24 8.63 20.85 -17.58
CA VAL B 24 8.68 20.66 -19.01
C VAL B 24 8.95 19.19 -19.36
N ASN B 25 9.82 18.55 -18.60
CA ASN B 25 10.12 17.14 -18.80
C ASN B 25 9.39 16.29 -17.78
N LYS B 26 9.51 14.99 -17.92
CA LYS B 26 8.71 14.05 -17.16
C LYS B 26 9.05 14.05 -15.65
N ILE B 27 8.02 14.00 -14.84
CA ILE B 27 8.18 13.71 -13.40
C ILE B 27 8.61 12.24 -13.28
N ASN B 28 9.80 12.05 -12.74
CA ASN B 28 10.36 10.70 -12.62
C ASN B 28 10.56 10.23 -11.17
N GLN B 29 10.25 11.07 -10.19
CA GLN B 29 10.27 10.65 -8.80
C GLN B 29 9.21 11.37 -8.00
N ILE B 30 8.58 10.64 -7.09
CA ILE B 30 7.63 11.19 -6.13
C ILE B 30 8.02 10.70 -4.77
N VAL B 31 8.06 11.58 -3.79
CA VAL B 31 8.28 11.19 -2.40
C VAL B 31 7.05 11.54 -1.59
N ILE B 32 6.50 10.56 -0.88
CA ILE B 32 5.35 10.78 0.01
C ILE B 32 5.90 10.82 1.42
N SER B 33 5.67 11.92 2.13
CA SER B 33 6.19 12.10 3.51
C SER B 33 5.07 11.92 4.49
N TYR B 34 5.36 11.22 5.59
CA TYR B 34 4.37 10.88 6.59
C TYR B 34 4.71 11.54 7.90
N GLY B 35 3.71 11.73 8.73
CA GLY B 35 3.91 12.21 10.09
C GLY B 35 3.18 11.35 11.10
N GLY B 36 3.39 11.66 12.37
CA GLY B 36 2.62 11.06 13.44
C GLY B 36 3.06 9.66 13.80
N GLY B 37 4.20 9.22 13.26
CA GLY B 37 4.71 7.88 13.51
C GLY B 37 3.90 6.77 12.87
N GLY B 38 3.05 7.13 11.91
CA GLY B 38 2.22 6.18 11.20
C GLY B 38 2.16 6.52 9.72
N ASN B 39 1.21 5.93 9.05
CA ASN B 39 1.04 6.09 7.61
C ASN B 39 0.15 7.29 7.27
N ASN B 40 0.50 8.47 7.78
CA ASN B 40 -0.32 9.67 7.62
C ASN B 40 0.38 10.64 6.67
N PRO B 41 -0.05 10.72 5.40
CA PRO B 41 0.64 11.61 4.47
C PRO B 41 0.50 13.05 4.92
N ILE B 42 1.62 13.77 4.97
CA ILE B 42 1.59 15.20 5.25
C ILE B 42 2.26 16.04 4.17
N ALA B 43 3.07 15.45 3.29
CA ALA B 43 3.69 16.22 2.22
C ALA B 43 3.92 15.30 1.01
N LEU B 44 4.01 15.92 -0.17
CA LEU B 44 4.35 15.27 -1.44
C LEU B 44 5.45 16.06 -2.10
N THR B 45 6.44 15.34 -2.63
CA THR B 45 7.48 15.94 -3.43
C THR B 45 7.42 15.36 -4.81
N PHE B 46 7.42 16.21 -5.83
CA PHE B 46 7.48 15.78 -7.23
C PHE B 46 8.74 16.32 -7.83
N SER B 47 9.50 15.49 -8.52
CA SER B 47 10.72 15.93 -9.15
C SER B 47 10.89 15.37 -10.55
N SER B 48 11.55 16.17 -11.38
CA SER B 48 11.94 15.81 -12.72
C SER B 48 13.45 16.03 -12.81
N THR B 49 14.19 14.94 -12.85
CA THR B 49 15.65 14.99 -12.74
C THR B 49 16.21 14.46 -14.05
N LYS B 50 16.94 15.32 -14.76
CA LYS B 50 17.41 15.06 -16.13
C LYS B 50 18.87 14.59 -16.12
N GLY B 53 21.66 15.46 -13.70
CA GLY B 53 21.53 15.88 -12.31
C GLY B 53 20.77 17.19 -12.13
N SER B 54 20.58 17.94 -13.22
CA SER B 54 19.69 19.12 -13.14
C SER B 54 18.25 18.69 -12.85
N LYS B 55 17.52 19.54 -12.14
CA LYS B 55 16.30 19.10 -11.49
C LYS B 55 15.30 20.22 -11.42
N ASP B 56 14.04 19.87 -11.67
CA ASP B 56 12.90 20.66 -11.24
C ASP B 56 12.23 19.91 -10.10
N THR B 57 11.79 20.61 -9.07
CA THR B 57 11.23 19.94 -7.91
C THR B 57 10.36 20.88 -7.10
N ILE B 58 9.34 20.29 -6.50
CA ILE B 58 8.49 21.01 -5.57
C ILE B 58 8.16 20.07 -4.41
N THR B 59 7.99 20.63 -3.22
CA THR B 59 7.41 19.91 -2.08
C THR B 59 6.22 20.75 -1.58
N VAL B 60 5.11 20.08 -1.39
CA VAL B 60 3.88 20.70 -0.94
C VAL B 60 3.41 19.95 0.29
N GLY B 61 2.80 20.67 1.22
CA GLY B 61 2.49 20.15 2.54
C GLY B 61 3.71 20.22 3.42
N GLY B 62 3.60 19.77 4.66
CA GLY B 62 4.76 19.78 5.53
C GLY B 62 5.13 21.17 6.04
N GLY B 63 4.18 22.09 6.06
CA GLY B 63 4.45 23.49 6.41
C GLY B 63 4.45 23.77 7.90
N GLY B 64 4.07 22.80 8.70
CA GLY B 64 3.96 22.97 10.13
C GLY B 64 5.12 22.35 10.89
N PRO B 65 4.99 22.33 12.21
CA PRO B 65 6.08 21.87 13.08
C PRO B 65 6.23 20.37 13.15
N ASP B 66 5.20 19.61 12.79
CA ASP B 66 5.22 18.17 13.06
C ASP B 66 6.28 17.48 12.22
N SER B 67 7.10 16.67 12.88
CA SER B 67 8.20 16.01 12.22
C SER B 67 7.73 15.00 11.17
N ILE B 68 8.49 14.90 10.09
CA ILE B 68 8.29 13.83 9.12
C ILE B 68 8.91 12.57 9.73
N THR B 69 8.09 11.54 9.92
CA THR B 69 8.48 10.32 10.61
C THR B 69 8.69 9.14 9.67
N GLY B 70 8.41 9.33 8.38
CA GLY B 70 8.71 8.31 7.39
C GLY B 70 8.44 8.81 5.99
N THR B 71 8.97 8.10 5.00
CA THR B 71 8.65 8.37 3.61
C THR B 71 8.56 7.10 2.79
N GLU B 72 7.90 7.22 1.65
CA GLU B 72 7.93 6.21 0.58
C GLU B 72 8.20 6.93 -0.74
N MET B 73 8.75 6.21 -1.68
CA MET B 73 9.24 6.80 -2.93
C MET B 73 8.72 6.01 -4.10
N VAL B 74 8.31 6.74 -5.13
CA VAL B 74 7.99 6.18 -6.43
C VAL B 74 9.09 6.63 -7.40
N ASN B 75 9.79 5.65 -7.98
CA ASN B 75 10.78 5.90 -9.00
C ASN B 75 10.20 5.42 -10.33
N ILE B 76 9.93 6.36 -11.21
CA ILE B 76 9.26 6.08 -12.47
C ILE B 76 10.33 5.71 -13.51
N GLY B 77 10.18 4.56 -14.13
CA GLY B 77 11.12 4.06 -15.11
C GLY B 77 11.12 4.82 -16.43
N THR B 78 12.12 4.60 -17.27
CA THR B 78 12.27 5.37 -18.52
C THR B 78 11.07 5.25 -19.46
N ASP B 79 10.50 4.05 -19.56
CA ASP B 79 9.36 3.83 -20.41
C ASP B 79 8.02 3.89 -19.64
N GLU B 80 8.07 4.42 -18.42
CA GLU B 80 6.90 4.54 -17.55
C GLU B 80 6.46 6.02 -17.44
N TYR B 81 5.15 6.27 -17.38
CA TYR B 81 4.68 7.63 -17.18
C TYR B 81 3.35 7.60 -16.44
N LEU B 82 3.11 8.65 -15.66
CA LEU B 82 1.87 8.81 -14.91
C LEU B 82 0.64 8.91 -15.80
N THR B 83 -0.42 8.22 -15.41
CA THR B 83 -1.70 8.24 -16.11
C THR B 83 -2.90 8.49 -15.21
N GLY B 84 -2.81 8.20 -13.91
CA GLY B 84 -3.92 8.42 -13.02
C GLY B 84 -3.50 8.61 -11.57
N ILE B 85 -4.38 9.25 -10.78
CA ILE B 85 -4.24 9.22 -9.33
C ILE B 85 -5.61 8.90 -8.71
N SER B 86 -5.55 8.40 -7.50
CA SER B 86 -6.72 8.12 -6.68
C SER B 86 -6.30 8.18 -5.23
N GLY B 87 -7.26 8.19 -4.32
CA GLY B 87 -6.91 8.22 -2.91
C GLY B 87 -8.11 8.49 -2.05
N THR B 88 -7.88 8.98 -0.84
CA THR B 88 -8.97 9.37 0.04
C THR B 88 -8.62 10.66 0.78
N PHE B 89 -9.65 11.33 1.23
CA PHE B 89 -9.56 12.47 2.11
C PHE B 89 -10.32 12.17 3.40
N GLY B 90 -9.79 12.63 4.51
CA GLY B 90 -10.42 12.41 5.80
C GLY B 90 -9.68 13.11 6.91
N ILE B 91 -10.05 12.81 8.14
CA ILE B 91 -9.54 13.59 9.26
C ILE B 91 -8.17 13.10 9.73
N TYR B 92 -7.24 14.04 9.85
CA TYR B 92 -5.97 13.83 10.50
C TYR B 92 -5.74 15.06 11.36
N LEU B 93 -5.59 14.87 12.66
CA LEU B 93 -5.38 15.96 13.61
C LEU B 93 -6.44 17.03 13.44
N ASP B 94 -7.69 16.60 13.40
CA ASP B 94 -8.87 17.47 13.30
C ASP B 94 -9.06 18.22 11.97
N ASN B 95 -8.18 18.00 11.00
CA ASN B 95 -8.29 18.67 9.70
C ASN B 95 -8.64 17.65 8.63
N ASN B 96 -9.49 18.03 7.68
CA ASN B 96 -9.80 17.14 6.57
C ASN B 96 -8.73 17.32 5.50
N VAL B 97 -7.94 16.28 5.28
CA VAL B 97 -6.78 16.33 4.40
C VAL B 97 -6.59 15.00 3.66
N LEU B 98 -5.62 14.98 2.76
CA LEU B 98 -5.29 13.75 2.05
C LEU B 98 -4.87 12.70 3.05
N ARG B 99 -5.51 11.53 3.00
CA ARG B 99 -5.21 10.42 3.92
C ARG B 99 -4.53 9.26 3.19
N SER B 100 -4.80 9.15 1.89
CA SER B 100 -4.11 8.12 1.09
C SER B 100 -4.07 8.55 -0.36
N ILE B 101 -3.05 8.12 -1.07
CA ILE B 101 -2.92 8.39 -2.49
C ILE B 101 -2.23 7.23 -3.20
N THR B 102 -2.66 7.01 -4.43
CA THR B 102 -2.09 6.03 -5.34
C THR B 102 -1.72 6.75 -6.64
N PHE B 103 -0.55 6.44 -7.17
CA PHE B 103 -0.05 7.01 -8.43
C PHE B 103 -0.02 5.88 -9.46
N THR B 104 -0.92 5.94 -10.42
CA THR B 104 -1.00 4.94 -11.47
C THR B 104 -0.26 5.41 -12.71
N THR B 105 0.49 4.50 -13.31
CA THR B 105 1.18 4.76 -14.56
C THR B 105 0.67 3.84 -15.65
N ASN B 106 1.26 3.99 -16.82
CA ASN B 106 0.99 3.08 -17.93
C ASN B 106 1.34 1.64 -17.59
N LEU B 107 2.17 1.42 -16.58
CA LEU B 107 2.60 0.06 -16.22
C LEU B 107 1.91 -0.54 -15.01
N LYS B 108 1.61 0.26 -13.99
CA LYS B 108 1.09 -0.29 -12.73
C LYS B 108 0.59 0.82 -11.82
N ALA B 109 -0.15 0.42 -10.81
CA ALA B 109 -0.48 1.27 -9.68
C ALA B 109 0.61 1.20 -8.63
N HIS B 110 1.04 2.36 -8.16
CA HIS B 110 2.01 2.47 -7.08
C HIS B 110 1.30 3.02 -5.87
N GLY B 111 1.42 2.33 -4.76
CA GLY B 111 0.72 2.71 -3.55
C GLY B 111 -0.07 1.52 -3.02
N PRO B 112 -1.08 1.75 -2.19
CA PRO B 112 -1.49 3.06 -1.69
C PRO B 112 -0.54 3.58 -0.65
N TYR B 113 -0.39 4.91 -0.63
CA TYR B 113 0.46 5.56 0.36
C TYR B 113 -0.48 6.23 1.34
N GLY B 114 -0.53 5.69 2.56
CA GLY B 114 -1.55 6.04 3.54
C GLY B 114 -2.63 4.96 3.61
N GLN B 115 -3.47 4.98 4.63
CA GLN B 115 -4.47 3.92 4.76
C GLN B 115 -5.80 4.34 4.16
N LYS B 116 -6.57 3.31 3.78
CA LYS B 116 -7.89 3.46 3.22
C LYS B 116 -8.86 3.87 4.31
N VAL B 117 -8.88 5.17 4.57
CA VAL B 117 -9.87 5.75 5.44
C VAL B 117 -10.36 7.05 4.81
N GLY B 118 -11.61 7.36 5.05
CA GLY B 118 -12.20 8.59 4.59
C GLY B 118 -12.85 8.37 3.25
N THR B 119 -13.04 9.47 2.53
CA THR B 119 -13.84 9.48 1.32
C THR B 119 -12.94 9.34 0.09
N PRO B 120 -13.26 8.41 -0.80
CA PRO B 120 -12.46 8.18 -2.00
C PRO B 120 -12.59 9.22 -3.10
N PHE B 121 -11.50 9.38 -3.86
CA PHE B 121 -11.50 10.11 -5.13
C PHE B 121 -10.66 9.33 -6.14
N SER B 122 -10.95 9.56 -7.41
CA SER B 122 -10.14 9.03 -8.50
C SER B 122 -10.21 9.92 -9.72
N SER B 123 -9.09 10.06 -10.41
CA SER B 123 -9.08 10.64 -11.73
C SER B 123 -9.67 9.63 -12.71
N ALA B 124 -9.95 10.06 -13.92
CA ALA B 124 -10.36 9.15 -14.99
C ALA B 124 -9.09 8.74 -15.74
N ASN B 125 -8.75 7.45 -15.66
CA ASN B 125 -7.66 6.88 -16.46
C ASN B 125 -8.16 6.74 -17.88
N VAL B 126 -7.65 7.57 -18.79
CA VAL B 126 -8.21 7.71 -20.14
C VAL B 126 -7.21 7.39 -21.25
N VAL B 127 -7.73 6.92 -22.38
CA VAL B 127 -6.92 6.43 -23.50
C VAL B 127 -6.05 7.50 -24.14
N GLY B 128 -4.73 7.28 -24.13
CA GLY B 128 -3.77 8.16 -24.77
C GLY B 128 -3.35 9.36 -23.95
N ASN B 129 -3.85 9.45 -22.72
CA ASN B 129 -3.57 10.60 -21.86
C ASN B 129 -2.40 10.34 -20.90
N GLU B 130 -1.68 11.41 -20.60
CA GLU B 130 -0.56 11.40 -19.68
C GLU B 130 -0.79 12.49 -18.65
N ILE B 131 -0.55 12.19 -17.39
CA ILE B 131 -0.47 13.23 -16.37
C ILE B 131 0.92 13.82 -16.49
N VAL B 132 1.00 15.13 -16.67
CA VAL B 132 2.23 15.86 -16.91
C VAL B 132 2.52 16.87 -15.79
N GLY B 133 1.66 16.93 -14.79
CA GLY B 133 1.92 17.77 -13.64
C GLY B 133 0.78 17.65 -12.65
N PHE B 134 0.92 18.34 -11.55
CA PHE B 134 -0.05 18.33 -10.46
C PHE B 134 -0.32 19.76 -9.97
N LEU B 135 -1.49 19.94 -9.38
CA LEU B 135 -1.81 21.19 -8.73
C LEU B 135 -2.68 20.87 -7.53
N GLY B 136 -2.93 21.82 -6.66
CA GLY B 136 -3.74 21.50 -5.48
C GLY B 136 -3.68 22.60 -4.47
N ARG B 137 -3.93 22.22 -3.22
CA ARG B 137 -3.80 23.13 -2.09
C ARG B 137 -3.07 22.42 -0.98
N SER B 138 -2.34 23.16 -0.17
CA SER B 138 -1.59 22.57 0.93
C SER B 138 -1.28 23.60 1.97
N GLY B 139 -0.98 23.12 3.16
CA GLY B 139 -0.48 23.93 4.25
C GLY B 139 0.42 23.08 5.12
N TYR B 140 -0.05 22.78 6.32
CA TYR B 140 0.63 21.79 7.14
C TYR B 140 0.51 20.42 6.50
N TYR B 141 -0.60 20.17 5.82
CA TYR B 141 -0.89 18.88 5.19
C TYR B 141 -1.28 19.12 3.74
N VAL B 142 -1.74 18.09 3.04
CA VAL B 142 -2.17 18.27 1.65
C VAL B 142 -3.68 18.37 1.66
N ASP B 143 -4.21 19.52 1.26
CA ASP B 143 -5.63 19.82 1.32
C ASP B 143 -6.38 19.43 0.06
N ALA B 144 -5.70 19.41 -1.09
CA ALA B 144 -6.33 19.08 -2.35
C ALA B 144 -5.26 18.73 -3.35
N ILE B 145 -5.62 17.90 -4.32
CA ILE B 145 -4.74 17.61 -5.43
C ILE B 145 -5.51 17.30 -6.68
N GLY B 146 -4.97 17.76 -7.79
CA GLY B 146 -5.48 17.50 -9.12
C GLY B 146 -4.35 17.34 -10.10
N THR B 147 -4.68 17.17 -11.37
CA THR B 147 -3.70 16.85 -12.39
C THR B 147 -3.76 17.80 -13.58
N TYR B 148 -2.62 17.94 -14.25
CA TYR B 148 -2.50 18.47 -15.61
C TYR B 148 -2.34 17.30 -16.55
N ASN B 149 -3.00 17.40 -17.71
CA ASN B 149 -3.17 16.28 -18.64
C ASN B 149 -2.84 16.70 -20.05
N ARG B 150 -2.24 15.78 -20.80
CA ARG B 150 -1.84 16.06 -22.18
C ARG B 150 -1.89 14.76 -22.97
N HIS B 151 -2.36 14.81 -24.21
CA HIS B 151 -2.33 13.66 -25.09
C HIS B 151 -0.88 13.26 -25.35
N LYS B 152 -0.61 11.97 -25.17
CA LYS B 152 0.72 11.37 -25.27
C LYS B 152 1.31 11.54 -26.67
N AYA C 1 -25.88 -25.08 15.45
CA AYA C 1 -24.65 -25.60 14.81
CB AYA C 1 -24.51 -25.14 13.35
C AYA C 1 -23.46 -25.08 15.56
O AYA C 1 -23.44 -24.02 16.29
CT AYA C 1 -26.34 -25.55 16.62
OT AYA C 1 -25.51 -25.98 17.45
CM AYA C 1 -27.36 -24.59 17.20
N VAL C 2 -22.36 -25.83 15.49
CA VAL C 2 -21.14 -25.46 16.18
C VAL C 2 -20.61 -24.15 15.61
N PRO C 3 -20.45 -23.12 16.42
CA PRO C 3 -19.99 -21.84 15.90
C PRO C 3 -18.55 -21.89 15.42
N MET C 4 -18.29 -21.04 14.43
CA MET C 4 -16.97 -20.80 13.87
C MET C 4 -16.72 -19.32 13.83
N ASP C 5 -15.47 -18.91 13.97
CA ASP C 5 -15.16 -17.49 13.97
C ASP C 5 -15.43 -16.88 12.61
N THR C 6 -15.82 -15.64 12.65
CA THR C 6 -16.22 -14.87 11.45
C THR C 6 -15.03 -14.67 10.50
N ILE C 7 -15.25 -14.92 9.22
CA ILE C 7 -14.27 -14.73 8.16
C ILE C 7 -14.44 -13.39 7.50
N SER C 8 -13.34 -12.68 7.32
CA SER C 8 -13.30 -11.52 6.44
C SER C 8 -12.41 -11.86 5.25
N GLY C 9 -12.79 -11.41 4.06
CA GLY C 9 -12.14 -11.83 2.85
C GLY C 9 -12.49 -13.29 2.62
N PRO C 10 -11.55 -14.10 2.12
CA PRO C 10 -10.20 -13.68 1.72
C PRO C 10 -10.19 -12.65 0.59
N TRP C 11 -9.14 -11.87 0.52
CA TRP C 11 -8.84 -10.99 -0.57
C TRP C 11 -7.78 -11.63 -1.46
N GLY C 12 -7.80 -11.32 -2.74
CA GLY C 12 -6.91 -11.91 -3.72
C GLY C 12 -7.70 -12.69 -4.74
N ASN C 13 -7.24 -13.86 -5.11
CA ASN C 13 -7.90 -14.57 -6.18
C ASN C 13 -7.92 -16.08 -6.00
N ASN C 14 -8.41 -16.78 -7.02
CA ASN C 14 -8.70 -18.22 -6.94
C ASN C 14 -7.50 -19.14 -7.28
N GLY C 15 -6.32 -18.58 -7.46
CA GLY C 15 -5.14 -19.40 -7.64
C GLY C 15 -4.76 -20.15 -6.38
N GLY C 16 -3.79 -21.04 -6.52
CA GLY C 16 -3.27 -21.78 -5.39
C GLY C 16 -4.26 -22.79 -4.84
N ASN C 17 -3.86 -23.35 -3.72
CA ASN C 17 -4.66 -24.26 -2.92
C ASN C 17 -5.04 -23.60 -1.59
N PHE C 18 -6.21 -23.97 -1.04
CA PHE C 18 -6.68 -23.41 0.20
C PHE C 18 -5.80 -23.76 1.38
N TRP C 19 -5.67 -22.80 2.29
CA TRP C 19 -5.04 -23.02 3.57
C TRP C 19 -5.78 -22.28 4.67
N SER C 20 -5.62 -22.75 5.91
CA SER C 20 -6.29 -22.14 7.04
C SER C 20 -5.51 -22.41 8.33
N PHE C 21 -5.43 -21.40 9.20
CA PHE C 21 -4.71 -21.48 10.44
C PHE C 21 -5.32 -20.56 11.48
N ARG C 22 -6.00 -21.15 12.45
CA ARG C 22 -6.58 -20.44 13.57
C ARG C 22 -6.20 -21.24 14.80
N PRO C 23 -5.09 -20.88 15.45
CA PRO C 23 -4.63 -21.59 16.64
C PRO C 23 -5.41 -21.11 17.86
N VAL C 24 -5.41 -21.88 18.91
CA VAL C 24 -6.21 -21.55 20.08
C VAL C 24 -5.62 -20.39 20.86
N ASN C 25 -4.30 -20.26 20.85
CA ASN C 25 -3.65 -19.14 21.53
C ASN C 25 -3.29 -18.05 20.52
N LYS C 26 -2.81 -16.93 21.03
CA LYS C 26 -2.55 -15.78 20.20
C LYS C 26 -1.45 -16.02 19.17
N ILE C 27 -1.66 -15.54 17.96
CA ILE C 27 -0.59 -15.48 16.97
C ILE C 27 0.35 -14.36 17.38
N ASN C 28 1.57 -14.73 17.76
CA ASN C 28 2.54 -13.76 18.29
C ASN C 28 3.78 -13.55 17.42
N GLN C 29 3.86 -14.28 16.31
CA GLN C 29 4.99 -14.10 15.40
C GLN C 29 4.56 -14.36 13.96
N ILE C 30 5.07 -13.54 13.06
CA ILE C 30 4.86 -13.73 11.63
C ILE C 30 6.19 -13.56 10.95
N VAL C 31 6.56 -14.48 10.08
CA VAL C 31 7.77 -14.34 9.27
C VAL C 31 7.36 -14.17 7.82
N ILE C 32 7.82 -13.10 7.19
CA ILE C 32 7.61 -12.86 5.76
C ILE C 32 8.88 -13.28 5.04
N SER C 33 8.78 -14.18 4.04
CA SER C 33 9.93 -14.61 3.25
C SER C 33 9.86 -13.86 1.94
N TYR C 34 11.00 -13.33 1.52
CA TYR C 34 11.11 -12.61 0.25
C TYR C 34 11.93 -13.41 -0.75
N GLY C 35 11.67 -13.18 -2.04
CA GLY C 35 12.36 -13.85 -3.13
C GLY C 35 12.79 -12.85 -4.16
N GLY C 36 13.59 -13.31 -5.11
CA GLY C 36 14.05 -12.52 -6.24
C GLY C 36 15.13 -11.51 -5.94
N GLY C 37 15.75 -11.59 -4.78
CA GLY C 37 16.73 -10.61 -4.34
C GLY C 37 16.14 -9.20 -4.17
N GLY C 38 14.82 -9.12 -4.00
CA GLY C 38 14.16 -7.87 -3.67
C GLY C 38 13.09 -8.18 -2.63
N ASN C 39 12.27 -7.20 -2.29
CA ASN C 39 11.26 -7.40 -1.25
C ASN C 39 9.97 -7.91 -1.87
N ASN C 40 10.04 -9.05 -2.56
CA ASN C 40 8.86 -9.69 -3.12
C ASN C 40 8.37 -10.79 -2.19
N PRO C 41 7.25 -10.60 -1.51
CA PRO C 41 6.81 -11.65 -0.59
C PRO C 41 6.51 -12.92 -1.34
N ILE C 42 7.05 -14.03 -0.89
CA ILE C 42 6.74 -15.33 -1.46
C ILE C 42 6.09 -16.27 -0.48
N ALA C 43 6.30 -16.05 0.82
CA ALA C 43 5.73 -16.94 1.83
C ALA C 43 5.46 -16.19 3.10
N LEU C 44 4.51 -16.73 3.86
CA LEU C 44 4.17 -16.23 5.19
C LEU C 44 4.17 -17.39 6.16
N THR C 45 4.78 -17.19 7.32
CA THR C 45 4.76 -18.16 8.41
C THR C 45 4.07 -17.52 9.60
N PHE C 46 3.01 -18.14 10.09
CA PHE C 46 2.31 -17.69 11.27
C PHE C 46 2.56 -18.65 12.39
N SER C 47 2.86 -18.15 13.56
CA SER C 47 3.08 -19.05 14.69
C SER C 47 2.47 -18.49 15.97
N SER C 48 2.13 -19.40 16.87
CA SER C 48 1.56 -19.10 18.16
C SER C 48 2.26 -19.96 19.23
N THR C 49 2.85 -19.30 20.20
CA THR C 49 3.45 -20.01 21.34
C THR C 49 2.34 -20.45 22.29
N LYS C 50 2.35 -21.74 22.63
CA LYS C 50 1.41 -22.32 23.59
C LYS C 50 1.91 -22.20 25.04
N ALA C 51 1.04 -22.57 25.97
CA ALA C 51 1.36 -22.52 27.40
C ALA C 51 2.63 -23.30 27.73
N ASP C 52 2.80 -24.43 27.08
CA ASP C 52 3.93 -25.29 27.40
C ASP C 52 5.26 -24.90 26.71
N GLY C 53 5.34 -23.76 26.02
CA GLY C 53 6.54 -23.40 25.28
C GLY C 53 6.60 -23.95 23.86
N SER C 54 5.64 -24.79 23.48
CA SER C 54 5.61 -25.30 22.11
C SER C 54 4.96 -24.25 21.22
N LYS C 55 5.08 -24.44 19.92
CA LYS C 55 4.53 -23.53 18.92
C LYS C 55 3.64 -24.25 17.94
N ASP C 56 2.46 -23.69 17.71
CA ASP C 56 1.64 -24.03 16.54
C ASP C 56 2.15 -23.19 15.40
N THR C 57 2.23 -23.75 14.20
CA THR C 57 2.79 -23.02 13.08
C THR C 57 2.30 -23.48 11.74
N ILE C 58 2.19 -22.55 10.80
CA ILE C 58 1.96 -22.86 9.41
C ILE C 58 2.84 -21.98 8.56
N THR C 59 3.22 -22.51 7.39
CA THR C 59 3.88 -21.74 6.36
C THR C 59 3.10 -21.95 5.08
N VAL C 60 2.83 -20.85 4.43
CA VAL C 60 2.11 -20.86 3.18
C VAL C 60 2.88 -20.07 2.13
N GLY C 61 2.89 -20.54 0.89
CA GLY C 61 3.80 -20.03 -0.12
C GLY C 61 5.14 -20.73 -0.04
N GLY C 62 6.01 -20.38 -0.98
CA GLY C 62 7.33 -21.01 -1.11
C GLY C 62 7.29 -22.27 -1.98
N GLY C 63 8.47 -22.78 -2.33
CA GLY C 63 8.59 -24.07 -3.01
C GLY C 63 8.75 -24.09 -4.53
N GLY C 64 8.78 -22.91 -5.14
CA GLY C 64 8.83 -22.80 -6.59
C GLY C 64 10.22 -22.47 -7.11
N PRO C 65 10.31 -21.96 -8.33
CA PRO C 65 11.58 -21.53 -8.93
C PRO C 65 12.31 -20.40 -8.19
N ASP C 66 11.57 -19.60 -7.42
CA ASP C 66 12.15 -18.48 -6.68
C ASP C 66 12.78 -18.98 -5.35
N SER C 67 14.02 -18.60 -5.06
CA SER C 67 14.68 -18.96 -3.78
C SER C 67 14.50 -17.85 -2.72
N ILE C 68 14.55 -18.20 -1.44
CA ILE C 68 14.38 -17.20 -0.37
C ILE C 68 15.65 -16.37 -0.24
N THR C 69 15.54 -15.05 -0.40
CA THR C 69 16.66 -14.12 -0.36
C THR C 69 16.63 -13.15 0.81
N GLY C 70 15.56 -13.21 1.61
CA GLY C 70 15.43 -12.31 2.73
C GLY C 70 14.21 -12.64 3.56
N THR C 71 14.19 -12.17 4.80
CA THR C 71 13.04 -12.30 5.68
C THR C 71 12.84 -11.06 6.50
N GLU C 72 11.61 -10.85 6.93
CA GLU C 72 11.34 -9.93 8.02
C GLU C 72 10.42 -10.64 9.00
N MET C 73 10.50 -10.25 10.26
CA MET C 73 9.76 -10.86 11.34
C MET C 73 8.92 -9.80 12.02
N VAL C 74 7.70 -10.18 12.34
CA VAL C 74 6.79 -9.39 13.15
C VAL C 74 6.69 -10.11 14.48
N ASN C 75 7.02 -9.44 15.57
CA ASN C 75 6.85 -10.00 16.89
C ASN C 75 5.81 -9.16 17.62
N ILE C 76 4.75 -9.83 18.08
CA ILE C 76 3.62 -9.17 18.71
C ILE C 76 3.79 -9.35 20.22
N GLY C 77 3.79 -8.25 20.95
CA GLY C 77 4.06 -8.29 22.39
C GLY C 77 2.86 -8.59 23.27
N THR C 78 3.10 -8.60 24.59
CA THR C 78 2.14 -9.11 25.57
C THR C 78 0.68 -8.62 25.50
N ASP C 79 0.51 -7.31 25.50
CA ASP C 79 -0.81 -6.65 25.45
C ASP C 79 -1.17 -6.24 24.04
N GLU C 80 -0.43 -6.73 23.05
CA GLU C 80 -0.63 -6.37 21.65
C GLU C 80 -1.35 -7.50 20.93
N TYR C 81 -2.23 -7.15 20.00
CA TYR C 81 -2.91 -8.17 19.23
C TYR C 81 -3.28 -7.64 17.88
N LEU C 82 -3.29 -8.54 16.90
CA LEU C 82 -3.69 -8.22 15.54
C LEU C 82 -5.14 -7.73 15.47
N THR C 83 -5.37 -6.65 14.70
CA THR C 83 -6.70 -6.06 14.49
C THR C 83 -7.09 -5.92 13.03
N GLY C 84 -6.13 -5.77 12.12
CA GLY C 84 -6.42 -5.63 10.70
C GLY C 84 -5.23 -5.99 9.84
N ILE C 85 -5.53 -6.25 8.57
CA ILE C 85 -4.51 -6.36 7.54
C ILE C 85 -4.88 -5.52 6.33
N SER C 86 -3.88 -5.21 5.55
CA SER C 86 -4.07 -4.54 4.28
C SER C 86 -2.91 -4.93 3.39
N GLY C 87 -3.00 -4.69 2.10
CA GLY C 87 -1.91 -5.06 1.22
C GLY C 87 -2.32 -4.84 -0.23
N THR C 88 -1.57 -5.44 -1.13
CA THR C 88 -1.82 -5.41 -2.56
C THR C 88 -1.55 -6.74 -3.21
N PHE C 89 -2.26 -6.99 -4.31
CA PHE C 89 -2.05 -8.14 -5.20
C PHE C 89 -1.61 -7.65 -6.58
N GLY C 90 -0.83 -8.45 -7.27
CA GLY C 90 -0.36 -8.11 -8.60
C GLY C 90 0.51 -9.21 -9.15
N ILE C 91 0.98 -9.06 -10.38
CA ILE C 91 1.79 -10.08 -11.02
C ILE C 91 3.21 -10.12 -10.46
N TYR C 92 3.66 -11.34 -10.19
CA TYR C 92 5.03 -11.63 -9.82
C TYR C 92 5.33 -13.00 -10.44
N LEU C 93 6.36 -13.06 -11.31
CA LEU C 93 6.75 -14.28 -12.00
C LEU C 93 5.52 -15.03 -12.55
N ASP C 94 4.66 -14.29 -13.25
CA ASP C 94 3.54 -14.82 -14.05
C ASP C 94 2.31 -15.29 -13.25
N ASN C 95 2.26 -14.95 -11.97
CA ASN C 95 1.11 -15.27 -11.13
C ASN C 95 0.60 -14.01 -10.42
N ASN C 96 -0.71 -13.89 -10.26
CA ASN C 96 -1.32 -12.76 -9.55
C ASN C 96 -1.38 -13.10 -8.08
N VAL C 97 -0.49 -12.49 -7.33
CA VAL C 97 -0.21 -12.91 -5.95
C VAL C 97 0.04 -11.71 -5.04
N LEU C 98 0.22 -11.98 -3.76
CA LEU C 98 0.42 -10.92 -2.78
C LEU C 98 1.73 -10.23 -3.11
N ARG C 99 1.69 -8.90 -3.19
CA ARG C 99 2.87 -8.08 -3.44
C ARG C 99 3.32 -7.27 -2.21
N SER C 100 2.38 -6.87 -1.36
CA SER C 100 2.65 -6.14 -0.13
C SER C 100 1.63 -6.49 0.90
N ILE C 101 2.00 -6.36 2.16
CA ILE C 101 1.10 -6.60 3.27
C ILE C 101 1.53 -5.79 4.49
N THR C 102 0.55 -5.33 5.24
CA THR C 102 0.70 -4.68 6.54
C THR C 102 -0.15 -5.45 7.55
N PHE C 103 0.42 -5.68 8.74
CA PHE C 103 -0.27 -6.32 9.85
C PHE C 103 -0.45 -5.24 10.91
N THR C 104 -1.69 -4.83 11.11
CA THR C 104 -2.02 -3.78 12.08
C THR C 104 -2.44 -4.43 13.40
N THR C 105 -1.94 -3.87 14.51
CA THR C 105 -2.35 -4.29 15.85
C THR C 105 -2.99 -3.09 16.55
N ASN C 106 -3.49 -3.33 17.76
CA ASN C 106 -3.93 -2.21 18.59
C ASN C 106 -2.83 -1.18 18.82
N LEU C 107 -1.58 -1.62 18.83
CA LEU C 107 -0.45 -0.72 19.09
C LEU C 107 -0.01 0.08 17.87
N LYS C 108 0.15 -0.58 16.72
CA LYS C 108 0.75 0.06 15.56
C LYS C 108 0.55 -0.77 14.29
N ALA C 109 0.90 -0.17 13.17
CA ALA C 109 1.01 -0.91 11.91
C ALA C 109 2.40 -1.49 11.83
N HIS C 110 2.49 -2.77 11.53
CA HIS C 110 3.73 -3.44 11.21
C HIS C 110 3.79 -3.64 9.70
N GLY C 111 4.71 -2.94 9.04
CA GLY C 111 4.89 -2.97 7.61
C GLY C 111 5.07 -1.56 7.07
N PRO C 112 4.91 -1.36 5.77
CA PRO C 112 4.51 -2.39 4.81
C PRO C 112 5.65 -3.30 4.48
N TYR C 113 5.32 -4.55 4.19
CA TYR C 113 6.27 -5.55 3.79
C TYR C 113 6.03 -5.84 2.31
N GLY C 114 7.04 -5.64 1.50
CA GLY C 114 6.97 -5.95 0.10
C GLY C 114 6.98 -4.73 -0.78
N GLN C 115 6.37 -4.91 -1.95
CA GLN C 115 6.40 -3.94 -3.03
C GLN C 115 5.05 -3.23 -3.10
N LYS C 116 5.05 -1.89 -3.00
CA LYS C 116 3.83 -1.13 -2.96
C LYS C 116 3.30 -0.89 -4.37
N VAL C 117 2.83 -1.97 -4.98
CA VAL C 117 2.28 -1.95 -6.30
C VAL C 117 1.08 -2.87 -6.37
N GLY C 118 0.16 -2.60 -7.26
CA GLY C 118 -0.92 -3.52 -7.57
C GLY C 118 -2.25 -3.06 -7.03
N THR C 119 -3.13 -4.02 -6.83
CA THR C 119 -4.53 -3.77 -6.48
C THR C 119 -4.70 -3.91 -4.98
N PRO C 120 -5.16 -2.86 -4.31
CA PRO C 120 -5.21 -2.88 -2.84
C PRO C 120 -6.39 -3.63 -2.22
N PHE C 121 -6.17 -4.11 -1.00
CA PHE C 121 -7.25 -4.60 -0.15
C PHE C 121 -7.00 -4.11 1.26
N SER C 122 -8.07 -4.06 2.05
CA SER C 122 -7.97 -3.76 3.45
C SER C 122 -9.12 -4.39 4.22
N SER C 123 -8.85 -4.92 5.40
CA SER C 123 -9.92 -5.36 6.28
C SER C 123 -10.62 -4.13 6.84
N ALA C 124 -11.86 -4.32 7.27
CA ALA C 124 -12.59 -3.30 8.01
C ALA C 124 -11.97 -3.11 9.41
N ASN C 125 -11.78 -1.86 9.80
CA ASN C 125 -11.19 -1.52 11.11
C ASN C 125 -12.28 -1.38 12.18
N VAL C 126 -13.00 -2.47 12.45
CA VAL C 126 -14.20 -2.45 13.29
C VAL C 126 -13.87 -2.46 14.78
N VAL C 127 -14.50 -1.55 15.54
CA VAL C 127 -14.20 -1.36 16.95
C VAL C 127 -14.29 -2.68 17.73
N GLY C 128 -13.22 -2.99 18.45
CA GLY C 128 -13.19 -4.16 19.30
C GLY C 128 -12.85 -5.46 18.58
N ASN C 129 -12.53 -5.38 17.29
CA ASN C 129 -12.14 -6.56 16.52
C ASN C 129 -10.75 -7.05 16.86
N GLU C 130 -10.61 -8.37 16.90
CA GLU C 130 -9.31 -9.02 17.00
C GLU C 130 -9.22 -10.08 15.92
N ILE C 131 -8.14 -10.05 15.16
CA ILE C 131 -7.82 -11.15 14.25
C ILE C 131 -7.24 -12.28 15.06
N VAL C 132 -7.84 -13.47 14.94
CA VAL C 132 -7.43 -14.66 15.67
C VAL C 132 -6.91 -15.79 14.79
N GLY C 133 -6.87 -15.57 13.48
CA GLY C 133 -6.32 -16.55 12.57
C GLY C 133 -6.39 -16.01 11.16
N PHE C 134 -5.82 -16.78 10.24
CA PHE C 134 -5.76 -16.42 8.84
C PHE C 134 -6.15 -17.62 8.00
N LEU C 135 -6.60 -17.33 6.79
CA LEU C 135 -6.94 -18.36 5.80
C LEU C 135 -6.69 -17.75 4.43
N GLY C 136 -6.66 -18.56 3.40
CA GLY C 136 -6.34 -18.03 2.10
C GLY C 136 -6.07 -19.12 1.10
N ARG C 137 -5.33 -18.77 0.06
CA ARG C 137 -4.86 -19.75 -0.91
C ARG C 137 -3.41 -19.48 -1.20
N SER C 138 -2.68 -20.51 -1.58
CA SER C 138 -1.24 -20.39 -1.81
C SER C 138 -0.72 -21.47 -2.72
N GLY C 139 0.43 -21.18 -3.32
CA GLY C 139 1.15 -22.12 -4.15
C GLY C 139 2.62 -21.82 -3.96
N TYR C 140 3.29 -21.45 -5.04
CA TYR C 140 4.65 -20.93 -4.93
C TYR C 140 4.67 -19.59 -4.21
N TYR C 141 3.54 -18.88 -4.28
CA TYR C 141 3.36 -17.56 -3.65
C TYR C 141 2.03 -17.55 -2.88
N VAL C 142 1.64 -16.40 -2.40
CA VAL C 142 0.37 -16.26 -1.69
C VAL C 142 -0.70 -15.70 -2.61
N ASP C 143 -1.68 -16.51 -2.95
CA ASP C 143 -2.70 -16.15 -3.92
C ASP C 143 -3.91 -15.41 -3.33
N ALA C 144 -4.17 -15.63 -2.05
CA ALA C 144 -5.26 -14.96 -1.34
C ALA C 144 -5.03 -15.02 0.16
N ILE C 145 -5.52 -14.04 0.89
CA ILE C 145 -5.45 -14.05 2.35
C ILE C 145 -6.68 -13.34 2.90
N GLY C 146 -7.22 -13.93 3.97
CA GLY C 146 -8.28 -13.35 4.78
C GLY C 146 -8.07 -13.65 6.24
N THR C 147 -9.02 -13.27 7.07
CA THR C 147 -8.88 -13.38 8.50
C THR C 147 -10.03 -14.08 9.17
N TYR C 148 -9.75 -14.68 10.31
CA TYR C 148 -10.75 -15.08 11.30
C TYR C 148 -10.78 -14.01 12.37
N ASN C 149 -11.97 -13.69 12.86
CA ASN C 149 -12.15 -12.53 13.70
C ASN C 149 -13.05 -12.82 14.86
N ARG C 150 -12.87 -12.08 15.94
CA ARG C 150 -13.81 -12.14 17.05
C ARG C 150 -13.85 -10.79 17.72
N HIS C 151 -14.97 -10.50 18.36
CA HIS C 151 -15.19 -9.18 18.91
C HIS C 151 -14.83 -9.20 20.37
N LYS C 152 -13.78 -8.46 20.72
CA LYS C 152 -13.61 -7.88 22.07
C LYS C 152 -13.33 -8.91 23.13
N AYA D 1 -15.21 -13.78 -5.66
CA AYA D 1 -15.04 -14.33 -4.31
CB AYA D 1 -16.34 -14.94 -3.78
C AYA D 1 -14.03 -15.43 -4.34
O AYA D 1 -13.95 -16.33 -5.26
CT AYA D 1 -14.34 -12.91 -6.20
OT AYA D 1 -13.17 -12.91 -5.72
CM AYA D 1 -14.42 -12.86 -7.72
N VAL D 2 -13.21 -15.48 -3.30
CA VAL D 2 -12.14 -16.48 -3.24
C VAL D 2 -12.68 -17.82 -2.72
N PRO D 3 -12.55 -18.89 -3.48
CA PRO D 3 -13.10 -20.17 -3.05
C PRO D 3 -12.33 -20.74 -1.87
N MET D 4 -13.01 -21.55 -1.07
CA MET D 4 -12.42 -22.23 0.08
C MET D 4 -12.90 -23.66 0.12
N ASP D 5 -12.14 -24.55 0.73
CA ASP D 5 -12.49 -25.97 0.74
C ASP D 5 -13.75 -26.20 1.58
N THR D 6 -14.52 -27.17 1.15
CA THR D 6 -15.80 -27.48 1.75
C THR D 6 -15.67 -28.01 3.18
N ILE D 7 -16.46 -27.45 4.07
CA ILE D 7 -16.52 -27.87 5.46
C ILE D 7 -17.60 -28.92 5.66
N SER D 8 -17.28 -29.96 6.41
CA SER D 8 -18.25 -30.92 6.91
C SER D 8 -18.22 -30.82 8.43
N GLY D 9 -19.38 -30.85 9.06
CA GLY D 9 -19.47 -30.61 10.48
C GLY D 9 -19.28 -29.12 10.72
N PRO D 10 -18.65 -28.69 11.81
CA PRO D 10 -18.13 -29.53 12.89
C PRO D 10 -19.21 -30.31 13.61
N TRP D 11 -18.80 -31.46 14.14
CA TRP D 11 -19.61 -32.28 15.01
C TRP D 11 -19.19 -31.97 16.43
N GLY D 12 -20.13 -32.10 17.35
CA GLY D 12 -19.85 -31.86 18.74
C GLY D 12 -20.62 -30.69 19.28
N ASN D 13 -19.96 -29.90 20.13
CA ASN D 13 -20.62 -28.92 20.97
C ASN D 13 -20.00 -27.53 20.86
N ASN D 14 -20.62 -26.56 21.51
CA ASN D 14 -20.33 -25.15 21.28
C ASN D 14 -19.37 -24.56 22.31
N GLY D 15 -18.81 -25.41 23.16
CA GLY D 15 -17.80 -24.98 24.10
C GLY D 15 -16.47 -24.69 23.43
N GLY D 16 -15.51 -24.28 24.23
CA GLY D 16 -14.16 -24.04 23.77
C GLY D 16 -14.04 -22.81 22.87
N ASN D 17 -12.86 -22.71 22.29
CA ASN D 17 -12.50 -21.68 21.32
C ASN D 17 -12.39 -22.34 19.96
N PHE D 18 -12.78 -21.62 18.91
CA PHE D 18 -12.59 -22.09 17.54
C PHE D 18 -11.12 -22.33 17.21
N TRP D 19 -10.87 -23.38 16.45
CA TRP D 19 -9.59 -23.65 15.83
C TRP D 19 -9.74 -24.17 14.41
N SER D 20 -8.68 -24.00 13.61
CA SER D 20 -8.70 -24.42 12.23
C SER D 20 -7.28 -24.71 11.73
N PHE D 21 -7.13 -25.78 10.96
CA PHE D 21 -5.83 -26.21 10.45
C PHE D 21 -6.02 -26.91 9.12
N ARG D 22 -5.69 -26.22 8.04
CA ARG D 22 -5.68 -26.80 6.71
C ARG D 22 -4.35 -26.44 6.08
N PRO D 23 -3.36 -27.32 6.18
CA PRO D 23 -2.01 -27.03 5.66
C PRO D 23 -1.99 -27.32 4.18
N VAL D 24 -1.01 -26.76 3.48
CA VAL D 24 -0.96 -26.91 2.03
C VAL D 24 -0.54 -28.33 1.61
N ASN D 25 0.25 -29.02 2.42
CA ASN D 25 0.61 -30.41 2.11
C ASN D 25 -0.21 -31.36 2.95
N LYS D 26 -0.02 -32.64 2.71
CA LYS D 26 -0.83 -33.65 3.36
C LYS D 26 -0.57 -33.71 4.86
N ILE D 27 -1.65 -33.87 5.62
CA ILE D 27 -1.52 -34.24 7.02
C ILE D 27 -1.10 -35.70 7.09
N ASN D 28 0.11 -35.92 7.60
CA ASN D 28 0.69 -37.26 7.63
C ASN D 28 0.93 -37.83 9.03
N GLN D 29 0.66 -37.04 10.05
CA GLN D 29 0.74 -37.55 11.42
C GLN D 29 -0.31 -36.93 12.31
N ILE D 30 -0.89 -37.73 13.17
CA ILE D 30 -1.89 -37.28 14.15
C ILE D 30 -1.52 -37.90 15.49
N VAL D 31 -1.48 -37.13 16.55
CA VAL D 31 -1.26 -37.66 17.88
C VAL D 31 -2.50 -37.37 18.71
N ILE D 32 -3.04 -38.42 19.30
CA ILE D 32 -4.15 -38.31 20.25
C ILE D 32 -3.55 -38.40 21.66
N SER D 33 -3.81 -37.38 22.48
CA SER D 33 -3.36 -37.33 23.87
C SER D 33 -4.51 -37.66 24.81
N TYR D 34 -4.23 -38.49 25.81
CA TYR D 34 -5.20 -38.95 26.81
C TYR D 34 -4.89 -38.37 28.18
N GLY D 35 -5.93 -38.26 29.00
CA GLY D 35 -5.79 -37.82 30.37
C GLY D 35 -6.59 -38.73 31.29
N GLY D 36 -6.33 -38.60 32.58
CA GLY D 36 -7.08 -39.31 33.60
C GLY D 36 -6.69 -40.76 33.83
N GLY D 37 -5.53 -41.18 33.32
CA GLY D 37 -5.06 -42.54 33.51
C GLY D 37 -5.92 -43.61 32.85
N GLY D 38 -6.81 -43.18 31.97
CA GLY D 38 -7.59 -44.06 31.09
C GLY D 38 -7.58 -43.43 29.72
N ASN D 39 -8.31 -43.99 28.75
CA ASN D 39 -8.22 -43.48 27.40
C ASN D 39 -9.23 -42.37 27.14
N ASN D 40 -9.08 -41.28 27.86
CA ASN D 40 -9.94 -40.12 27.70
C ASN D 40 -9.23 -39.11 26.81
N PRO D 41 -9.67 -38.94 25.57
CA PRO D 41 -9.00 -37.94 24.72
C PRO D 41 -9.12 -36.56 25.32
N ILE D 42 -8.00 -35.85 25.40
CA ILE D 42 -8.01 -34.46 25.83
C ILE D 42 -7.41 -33.50 24.80
N ALA D 43 -6.64 -34.03 23.86
CA ALA D 43 -6.00 -33.20 22.83
C ALA D 43 -5.73 -33.99 21.56
N LEU D 44 -5.68 -33.23 20.46
CA LEU D 44 -5.25 -33.75 19.16
C LEU D 44 -4.15 -32.88 18.58
N THR D 45 -3.14 -33.52 18.00
CA THR D 45 -2.09 -32.82 17.29
C THR D 45 -2.12 -33.27 15.84
N PHE D 46 -2.19 -32.33 14.92
CA PHE D 46 -2.10 -32.63 13.50
C PHE D 46 -0.83 -32.04 12.96
N SER D 47 -0.08 -32.80 12.20
CA SER D 47 1.14 -32.30 11.57
C SER D 47 1.26 -32.71 10.11
N SER D 48 1.96 -31.87 9.36
CA SER D 48 2.18 -32.07 7.94
C SER D 48 3.64 -31.75 7.64
N THR D 49 4.35 -32.75 7.12
CA THR D 49 5.76 -32.61 6.75
C THR D 49 5.90 -32.10 5.32
N LYS D 50 7.05 -31.51 5.03
CA LYS D 50 7.35 -31.06 3.66
C LYS D 50 8.70 -31.60 3.19
N ALA D 51 8.89 -31.64 1.88
CA ALA D 51 10.15 -32.10 1.26
C ALA D 51 11.34 -31.23 1.69
N ASP D 52 10.98 -30.01 2.09
CA ASP D 52 11.80 -29.01 2.77
C ASP D 52 12.51 -29.49 4.05
N GLY D 53 11.93 -30.49 4.71
CA GLY D 53 12.24 -30.77 6.11
C GLY D 53 11.35 -29.99 7.07
N SER D 54 10.75 -28.90 6.61
CA SER D 54 9.87 -28.10 7.49
C SER D 54 8.53 -28.82 7.81
N LYS D 55 7.79 -28.27 8.76
CA LYS D 55 6.62 -28.96 9.30
C LYS D 55 5.59 -28.04 9.91
N ASP D 56 4.37 -28.14 9.39
CA ASP D 56 3.24 -27.38 9.89
C ASP D 56 2.56 -28.21 10.96
N THR D 57 2.13 -27.58 12.03
CA THR D 57 1.53 -28.33 13.14
C THR D 57 0.60 -27.50 13.99
N ILE D 58 -0.38 -28.16 14.59
CA ILE D 58 -1.25 -27.55 15.56
C ILE D 58 -1.60 -28.58 16.63
N THR D 59 -1.79 -28.10 17.85
CA THR D 59 -2.34 -28.91 18.93
C THR D 59 -3.55 -28.20 19.46
N VAL D 60 -4.64 -28.96 19.62
CA VAL D 60 -5.92 -28.43 20.06
C VAL D 60 -6.38 -29.32 21.22
N GLY D 61 -6.99 -28.69 22.20
CA GLY D 61 -7.25 -29.34 23.47
C GLY D 61 -6.01 -29.29 24.33
N GLY D 62 -6.09 -29.87 25.51
CA GLY D 62 -4.96 -29.85 26.43
C GLY D 62 -4.68 -28.49 27.04
N GLY D 63 -5.68 -27.61 27.09
CA GLY D 63 -5.52 -26.25 27.58
C GLY D 63 -5.52 -26.08 29.08
N GLY D 64 -5.72 -27.16 29.82
CA GLY D 64 -5.79 -27.12 31.26
C GLY D 64 -4.60 -27.82 31.91
N PRO D 65 -4.61 -27.94 33.23
CA PRO D 65 -3.49 -28.55 33.95
C PRO D 65 -3.46 -30.08 33.94
N ASP D 66 -4.49 -30.74 33.42
CA ASP D 66 -4.54 -32.20 33.42
C ASP D 66 -3.29 -32.78 32.78
N SER D 67 -2.64 -33.72 33.45
CA SER D 67 -1.46 -34.37 32.88
C SER D 67 -1.85 -35.30 31.73
N ILE D 68 -0.96 -35.42 30.76
CA ILE D 68 -1.15 -36.36 29.65
C ILE D 68 -0.62 -37.71 30.13
N THR D 69 -1.51 -38.68 30.25
CA THR D 69 -1.18 -39.99 30.80
C THR D 69 -0.96 -41.06 29.74
N GLY D 70 -1.13 -40.70 28.49
CA GLY D 70 -0.87 -41.61 27.38
C GLY D 70 -1.11 -40.93 26.04
N THR D 71 -0.51 -41.45 24.98
CA THR D 71 -0.80 -40.99 23.62
C THR D 71 -0.86 -42.18 22.67
N GLU D 72 -1.51 -41.95 21.54
CA GLU D 72 -1.46 -42.83 20.39
C GLU D 72 -1.19 -41.98 19.16
N MET D 73 -0.44 -42.56 18.23
CA MET D 73 0.01 -41.87 17.03
C MET D 73 -0.47 -42.58 15.79
N VAL D 74 -0.94 -41.81 14.82
CA VAL D 74 -1.33 -42.27 13.49
C VAL D 74 -0.28 -41.73 12.54
N ASN D 75 0.39 -42.62 11.80
CA ASN D 75 1.34 -42.25 10.77
C ASN D 75 0.80 -42.68 9.42
N ILE D 76 0.58 -41.71 8.56
CA ILE D 76 -0.07 -41.92 7.26
C ILE D 76 1.02 -42.02 6.21
N GLY D 77 1.02 -43.10 5.44
CA GLY D 77 2.06 -43.36 4.46
C GLY D 77 1.86 -42.70 3.10
N THR D 78 2.82 -42.90 2.19
CA THR D 78 2.92 -42.11 0.96
C THR D 78 1.67 -42.02 0.05
N ASP D 79 1.09 -43.18 -0.22
CA ASP D 79 -0.14 -43.29 -1.04
C ASP D 79 -1.42 -43.33 -0.22
N GLU D 80 -1.34 -43.05 1.08
CA GLU D 80 -2.46 -43.10 1.99
C GLU D 80 -2.90 -41.68 2.30
N TYR D 81 -4.21 -41.50 2.46
CA TYR D 81 -4.77 -40.17 2.72
C TYR D 81 -6.09 -40.29 3.47
N LEU D 82 -6.34 -39.31 4.34
CA LEU D 82 -7.56 -39.28 5.13
C LEU D 82 -8.79 -39.14 4.24
N THR D 83 -9.81 -39.94 4.51
CA THR D 83 -11.08 -39.88 3.80
C THR D 83 -12.30 -39.65 4.68
N GLY D 84 -12.22 -40.01 5.96
CA GLY D 84 -13.34 -39.81 6.85
C GLY D 84 -12.94 -39.80 8.32
N ILE D 85 -13.81 -39.26 9.16
CA ILE D 85 -13.69 -39.42 10.61
C ILE D 85 -15.03 -39.80 11.20
N SER D 86 -14.98 -40.41 12.37
CA SER D 86 -16.17 -40.72 13.14
C SER D 86 -15.76 -40.76 14.59
N GLY D 87 -16.74 -40.75 15.48
CA GLY D 87 -16.40 -40.81 16.89
C GLY D 87 -17.62 -40.59 17.74
N THR D 88 -17.40 -40.20 19.00
CA THR D 88 -18.48 -39.88 19.93
C THR D 88 -18.10 -38.69 20.79
N PHE D 89 -19.13 -38.03 21.30
CA PHE D 89 -19.05 -36.95 22.26
C PHE D 89 -19.80 -37.33 23.52
N GLY D 90 -19.40 -36.77 24.64
CA GLY D 90 -20.00 -37.11 25.92
C GLY D 90 -19.30 -36.38 27.04
N ILE D 91 -19.81 -36.52 28.26
CA ILE D 91 -19.26 -35.79 29.38
C ILE D 91 -17.93 -36.38 29.83
N TYR D 92 -16.96 -35.50 29.98
CA TYR D 92 -15.72 -35.80 30.67
C TYR D 92 -15.44 -34.59 31.57
N LEU D 93 -15.30 -34.85 32.87
CA LEU D 93 -15.03 -33.80 33.85
C LEU D 93 -15.88 -32.56 33.60
N ASP D 94 -17.21 -32.76 33.55
CA ASP D 94 -18.19 -31.67 33.55
C ASP D 94 -18.31 -30.97 32.20
N ASN D 95 -17.61 -31.45 31.17
CA ASN D 95 -17.66 -30.86 29.84
C ASN D 95 -18.05 -31.89 28.80
N ASN D 96 -18.91 -31.48 27.86
CA ASN D 96 -19.36 -32.37 26.77
C ASN D 96 -18.37 -32.24 25.62
N VAL D 97 -17.52 -33.26 25.50
CA VAL D 97 -16.34 -33.21 24.66
C VAL D 97 -16.09 -34.53 23.95
N LEU D 98 -15.06 -34.57 23.11
CA LEU D 98 -14.76 -35.75 22.33
C LEU D 98 -14.39 -36.88 23.26
N ARG D 99 -15.01 -38.05 23.09
CA ARG D 99 -14.71 -39.24 23.88
C ARG D 99 -14.00 -40.34 23.09
N SER D 100 -14.31 -40.45 21.81
CA SER D 100 -13.63 -41.40 20.91
C SER D 100 -13.57 -40.82 19.50
N ILE D 101 -12.59 -41.27 18.74
CA ILE D 101 -12.43 -40.85 17.36
C ILE D 101 -11.69 -41.92 16.54
N THR D 102 -12.09 -42.04 15.29
CA THR D 102 -11.44 -42.90 14.29
C THR D 102 -11.09 -42.03 13.10
N PHE D 103 -9.87 -42.20 12.59
CA PHE D 103 -9.42 -41.52 11.37
C PHE D 103 -9.34 -42.59 10.29
N THR D 104 -10.22 -42.51 9.31
CA THR D 104 -10.25 -43.46 8.20
C THR D 104 -9.51 -42.91 7.00
N THR D 105 -8.68 -43.76 6.38
CA THR D 105 -8.02 -43.41 5.14
C THR D 105 -8.47 -44.38 4.03
N ASN D 106 -7.95 -44.18 2.84
CA ASN D 106 -8.16 -45.13 1.76
C ASN D 106 -7.66 -46.53 2.11
N LEU D 107 -6.63 -46.62 2.96
CA LEU D 107 -6.06 -47.90 3.35
C LEU D 107 -6.84 -48.62 4.43
N LYS D 108 -7.17 -47.92 5.50
CA LYS D 108 -7.77 -48.57 6.67
C LYS D 108 -8.36 -47.56 7.64
N ALA D 109 -9.09 -48.07 8.61
CA ALA D 109 -9.53 -47.28 9.74
C ALA D 109 -8.41 -47.30 10.77
N HIS D 110 -8.06 -46.13 11.28
CA HIS D 110 -7.12 -46.00 12.38
C HIS D 110 -7.90 -45.61 13.62
N GLY D 111 -7.89 -46.48 14.62
CA GLY D 111 -8.69 -46.29 15.83
C GLY D 111 -9.47 -47.54 16.13
N PRO D 112 -10.48 -47.46 17.00
CA PRO D 112 -10.90 -46.21 17.66
C PRO D 112 -9.95 -45.83 18.78
N TYR D 113 -9.81 -44.52 18.98
CA TYR D 113 -9.00 -43.97 20.05
C TYR D 113 -9.95 -43.37 21.06
N GLY D 114 -9.88 -43.84 22.30
CA GLY D 114 -10.66 -43.30 23.39
C GLY D 114 -11.69 -44.26 23.95
N GLN D 115 -12.78 -43.67 24.45
CA GLN D 115 -13.82 -44.40 25.17
C GLN D 115 -15.02 -44.52 24.26
N LYS D 116 -15.47 -45.75 23.99
CA LYS D 116 -16.60 -45.99 23.09
C LYS D 116 -17.93 -45.81 23.82
N VAL D 117 -18.19 -44.56 24.15
CA VAL D 117 -19.40 -44.14 24.83
C VAL D 117 -19.84 -42.79 24.29
N GLY D 118 -21.12 -42.50 24.40
CA GLY D 118 -21.63 -41.19 24.10
C GLY D 118 -22.40 -41.12 22.81
N THR D 119 -22.53 -39.90 22.29
CA THR D 119 -23.35 -39.60 21.14
C THR D 119 -22.50 -39.62 19.89
N PRO D 120 -22.87 -40.44 18.89
CA PRO D 120 -21.99 -40.66 17.74
C PRO D 120 -22.07 -39.59 16.66
N PHE D 121 -20.98 -39.47 15.90
CA PHE D 121 -20.94 -38.69 14.69
C PHE D 121 -20.14 -39.44 13.66
N SER D 122 -20.39 -39.12 12.40
CA SER D 122 -19.62 -39.69 11.31
C SER D 122 -19.67 -38.75 10.10
N SER D 123 -18.54 -38.57 9.45
CA SER D 123 -18.51 -37.87 8.19
C SER D 123 -19.08 -38.81 7.12
N ALA D 124 -19.59 -38.22 6.05
CA ALA D 124 -20.14 -38.97 4.94
C ALA D 124 -19.01 -39.39 4.01
N VAL D 126 -18.60 -39.53 0.69
CA VAL D 126 -18.69 -38.98 -0.66
C VAL D 126 -17.59 -39.52 -1.58
N VAL D 127 -17.99 -40.06 -2.73
CA VAL D 127 -17.06 -40.75 -3.63
C VAL D 127 -15.91 -39.83 -4.02
N GLY D 128 -14.67 -40.29 -3.82
CA GLY D 128 -13.50 -39.52 -4.20
C GLY D 128 -13.11 -38.37 -3.28
N ASN D 129 -13.66 -38.38 -2.07
CA ASN D 129 -13.37 -37.35 -1.08
C ASN D 129 -12.00 -37.56 -0.43
N GLU D 130 -11.34 -36.44 -0.19
CA GLU D 130 -10.16 -36.42 0.66
C GLU D 130 -10.38 -35.37 1.74
N ILE D 131 -10.09 -35.72 2.99
CA ILE D 131 -9.94 -34.74 4.05
C ILE D 131 -8.59 -34.09 3.94
N VAL D 132 -8.60 -32.75 3.86
CA VAL D 132 -7.38 -31.98 3.69
C VAL D 132 -7.10 -31.03 4.87
N GLY D 133 -7.96 -31.05 5.88
CA GLY D 133 -7.75 -30.25 7.06
C GLY D 133 -8.84 -30.52 8.08
N PHE D 134 -8.67 -29.91 9.26
CA PHE D 134 -9.63 -30.05 10.34
C PHE D 134 -9.95 -28.67 10.92
N LEU D 135 -11.11 -28.59 11.54
CA LEU D 135 -11.48 -27.40 12.28
C LEU D 135 -12.34 -27.87 13.44
N GLY D 136 -12.63 -26.98 14.39
CA GLY D 136 -13.46 -27.38 15.50
C GLY D 136 -13.41 -26.36 16.61
N ARG D 137 -13.61 -26.83 17.84
CA ARG D 137 -13.49 -26.00 19.02
C ARG D 137 -12.77 -26.79 20.09
N SER D 138 -12.06 -26.09 20.98
CA SER D 138 -11.30 -26.76 22.02
C SER D 138 -11.01 -25.84 23.17
N GLY D 139 -10.72 -26.45 24.31
CA GLY D 139 -10.38 -25.76 25.54
C GLY D 139 -9.44 -26.66 26.31
N TYR D 140 -9.87 -27.08 27.49
CA TYR D 140 -9.17 -28.13 28.21
C TYR D 140 -9.19 -29.44 27.40
N TYR D 141 -10.28 -29.65 26.67
CA TYR D 141 -10.50 -30.88 25.90
C TYR D 141 -10.94 -30.48 24.50
N VAL D 142 -11.45 -31.42 23.71
CA VAL D 142 -11.84 -31.12 22.34
C VAL D 142 -13.35 -31.06 22.25
N ASP D 143 -13.91 -29.86 22.15
CA ASP D 143 -15.34 -29.64 22.19
C ASP D 143 -16.07 -29.96 20.89
N ALA D 144 -15.37 -29.84 19.76
CA ALA D 144 -15.97 -30.08 18.45
C ALA D 144 -14.88 -30.34 17.42
N ILE D 145 -15.21 -31.08 16.39
CA ILE D 145 -14.30 -31.32 15.26
C ILE D 145 -15.10 -31.52 13.98
N GLY D 146 -14.60 -30.92 12.89
CA GLY D 146 -15.09 -31.13 11.54
C GLY D 146 -13.93 -31.17 10.58
N THR D 147 -14.24 -31.25 9.29
CA THR D 147 -13.21 -31.44 8.27
C THR D 147 -13.32 -30.41 7.16
N TYR D 148 -12.17 -30.16 6.51
CA TYR D 148 -12.11 -29.55 5.19
C TYR D 148 -11.91 -30.67 4.18
N ASN D 149 -12.58 -30.55 3.04
CA ASN D 149 -12.72 -31.63 2.08
C ASN D 149 -12.46 -31.15 0.67
N ARG D 150 -11.96 -32.05 -0.15
CA ARG D 150 -11.75 -31.76 -1.56
C ARG D 150 -11.88 -33.07 -2.32
N HIS D 151 -12.39 -33.00 -3.55
CA HIS D 151 -12.39 -34.17 -4.42
C HIS D 151 -10.93 -34.39 -4.79
N LYS D 152 -10.46 -35.63 -4.77
CA LYS D 152 -9.04 -35.87 -5.04
C LYS D 152 -8.75 -35.94 -6.54
C1 EDO E . 10.62 27.22 -29.05
O1 EDO E . 10.73 27.36 -27.65
C2 EDO E . 10.15 25.83 -29.32
O2 EDO E . 11.15 24.92 -28.91
C1 EDO F . 19.92 19.36 -25.39
O1 EDO F . 19.04 19.77 -26.42
C2 EDO F . 19.42 18.08 -24.75
O2 EDO F . 18.02 18.07 -24.63
N1 IMD G . 4.34 34.93 -0.56
C2 IMD G . 4.02 34.12 -1.60
N3 IMD G . 3.88 32.87 -1.14
C4 IMD G . 4.10 32.88 0.19
C5 IMD G . 4.40 34.18 0.55
N1 IMD H . 14.29 23.92 -33.28
C2 IMD H . 14.59 25.21 -33.07
N3 IMD H . 13.73 25.71 -32.16
C4 IMD H . 12.86 24.74 -31.81
C5 IMD H . 13.23 23.60 -32.51
C1 EDO I . -3.92 23.51 6.64
O1 EDO I . -2.66 23.90 7.14
C2 EDO I . -3.91 22.02 6.42
O2 EDO I . -2.93 21.77 5.45
C1 EDO J . -7.41 27.50 -16.32
O1 EDO J . -7.90 28.47 -17.22
C2 EDO J . -8.25 27.51 -15.07
O2 EDO J . -9.60 27.25 -15.42
C1 EDO K . -1.90 22.33 -24.73
O1 EDO K . -1.35 22.83 -23.52
C2 EDO K . -1.23 21.06 -25.20
O2 EDO K . 0.11 21.19 -25.67
N1 IMD L . -2.76 24.36 12.41
C2 IMD L . -2.83 23.02 12.36
N3 IMD L . -3.06 22.62 11.08
C4 IMD L . -3.12 23.72 10.30
C5 IMD L . -2.93 24.81 11.13
N1 IMD M . 6.77 15.77 -20.13
C2 IMD M . 6.16 14.61 -19.82
N3 IMD M . 6.65 13.63 -20.64
C4 IMD M . 7.58 14.20 -21.45
C5 IMD M . 7.65 15.54 -21.13
C1 MLT N . 4.41 -5.24 -10.72
O1 MLT N . 5.37 -5.38 -9.82
O2 MLT N . 4.66 -4.50 -11.76
C2 MLT N . 3.06 -5.90 -10.62
O3 MLT N . 2.95 -6.76 -9.49
C3 MLT N . 1.96 -4.85 -10.51
C4 MLT N . 0.63 -5.43 -10.89
O4 MLT N . 0.52 -6.53 -11.60
O5 MLT N . -0.47 -4.87 -10.51
C1 EDO O . 1.12 -19.17 -7.21
O1 EDO O . 1.11 -19.24 -5.80
C2 EDO O . 0.88 -20.57 -7.77
O2 EDO O . 1.98 -21.47 -7.52
C1 EDO P . -12.54 -10.03 -3.61
O1 EDO P . -12.67 -8.65 -3.89
C2 EDO P . -11.13 -10.50 -3.92
O2 EDO P . -10.19 -9.63 -3.34
C1 MLT Q . -19.27 -41.32 30.06
O1 MLT Q . -18.04 -41.73 29.99
O2 MLT Q . -20.05 -41.96 30.89
C2 MLT Q . -19.84 -40.18 29.27
O3 MLT Q . -18.87 -39.56 28.45
C3 MLT Q . -20.96 -40.67 28.36
C4 MLT Q . -21.86 -39.58 27.86
O4 MLT Q . -21.96 -38.44 28.49
O5 MLT Q . -22.60 -39.74 26.82
C1 EDO R . -13.62 -26.50 27.82
O1 EDO R . -12.39 -26.16 28.43
C2 EDO R . -13.58 -27.98 27.48
O2 EDO R . -12.73 -28.21 26.37
C1 EDO S . -18.00 -20.80 6.24
O1 EDO S . -19.25 -21.15 5.64
C2 EDO S . -17.64 -19.46 5.67
O2 EDO S . -17.54 -19.61 4.28
#